data_4KB6
#
_entry.id   4KB6
#
_cell.length_a   86.280
_cell.length_b   111.890
_cell.length_c   117.780
_cell.angle_alpha   90.00
_cell.angle_beta   90.00
_cell.angle_gamma   90.00
#
_symmetry.space_group_name_H-M   'C 2 2 21'
#
loop_
_entity.id
_entity.type
_entity.pdbx_description
1 polymer 'Uncharacterized protein'
2 polymer "DNA (5'-D(P*CP*GP*AP*CP*GP*CP*TP*AP*GP*CP*GP*TP*CP*G)-3')"
3 non-polymer 'ZINC ION'
4 non-polymer "GUANOSINE-5'-TRIPHOSPHATE"
5 non-polymer "ADENOSINE-5'-TRIPHOSPHATE"
6 non-polymer 'MAGNESIUM ION'
7 water water
#
loop_
_entity_poly.entity_id
_entity_poly.type
_entity_poly.pdbx_seq_one_letter_code
_entity_poly.pdbx_strand_id
1 'polypeptide(L)'
;GAMGAWKLQTVLEKVRLSRHEISEAAEVVNWVVEHLLRRLQGGESEFKGVALLRTGSYYERVKISAPNQFNVMFKLEVPR
IQLEEYCNSGAHYFVKFKRNPGGNPLEQFLEKEILSASKMLSKFRKIIKEEIKNIEDTGVTVERKRRGSPAVTLLISKPK
EISVDIILALESKSSWPASTQKGLPISQWLGAKVKNNLKRQPFYLVPKHAKEGSGFQEETWRLSFSHIEKDILKNHGQSK
TCCEIDGVKCCRKECLKLMKYLLEQLKKKFGNRRELAKFCSYHVKTAFFHVCTQDPHDNQWHLKNLECCFDNCVAYFLQC
LKTEQLANYFIPGVNLFSRDLIDKPSKEFLSKQIEYERNNGFPVFW
;
A
2 'polydeoxyribonucleotide' (DC)(DG)(DA)(DC)(DG)(DC)(DT)(DA)(DG)(DC)(DG)(DT)(DC)(DG) B,C
#
# COMPACT_ATOMS: atom_id res chain seq x y z
N GLY A 4 -12.00 19.64 23.93
CA GLY A 4 -10.90 19.52 24.87
C GLY A 4 -9.89 18.49 24.43
N ALA A 5 -8.63 18.92 24.30
CA ALA A 5 -7.54 18.10 23.77
C ALA A 5 -7.43 16.71 24.41
N TRP A 6 -7.25 15.69 23.57
CA TRP A 6 -7.07 14.32 24.05
C TRP A 6 -5.81 14.12 24.91
N LYS A 7 -4.66 14.63 24.47
CA LYS A 7 -4.53 15.37 23.20
C LYS A 7 -3.74 14.58 22.16
N LEU A 8 -4.31 14.49 20.96
CA LEU A 8 -3.72 13.72 19.87
C LEU A 8 -2.42 14.30 19.33
N GLN A 9 -2.34 15.63 19.22
CA GLN A 9 -1.17 16.31 18.68
C GLN A 9 0.15 15.81 19.27
N THR A 10 0.15 15.54 20.57
CA THR A 10 1.27 14.90 21.23
C THR A 10 1.54 13.52 20.60
N VAL A 11 0.47 12.77 20.35
CA VAL A 11 0.56 11.46 19.70
C VAL A 11 1.27 11.55 18.36
N LEU A 12 0.92 12.56 17.57
CA LEU A 12 1.60 12.82 16.29
C LEU A 12 3.10 13.01 16.50
N GLU A 13 3.45 13.81 17.50
CA GLU A 13 4.83 14.08 17.85
C GLU A 13 5.61 12.81 18.19
N LYS A 14 5.01 11.96 19.03
CA LYS A 14 5.59 10.68 19.38
C LYS A 14 5.87 9.85 18.13
N VAL A 15 4.93 9.89 17.19
CA VAL A 15 4.97 9.02 16.01
C VAL A 15 6.01 9.43 14.99
N ARG A 16 6.22 10.74 14.84
CA ARG A 16 7.09 11.31 13.80
C ARG A 16 8.50 10.74 13.79
N LEU A 17 8.99 10.38 12.61
CA LEU A 17 10.31 9.77 12.45
C LEU A 17 11.43 10.72 12.83
N SER A 18 12.48 10.17 13.45
CA SER A 18 13.67 10.93 13.73
C SER A 18 14.31 11.41 12.43
N ARG A 19 14.71 12.67 12.41
CA ARG A 19 15.40 13.23 11.26
C ARG A 19 16.69 12.47 11.00
N HIS A 20 17.42 12.16 12.07
CA HIS A 20 18.60 11.34 11.98
C HIS A 20 18.24 9.92 11.53
N GLU A 21 17.15 9.40 12.09
CA GLU A 21 16.65 8.06 11.75
C GLU A 21 16.46 7.87 10.25
N ILE A 22 15.73 8.80 9.64
CA ILE A 22 15.44 8.72 8.21
C ILE A 22 16.73 8.77 7.37
N SER A 23 17.58 9.75 7.65
CA SER A 23 18.83 9.94 6.91
C SER A 23 19.71 8.71 7.00
N GLU A 24 19.83 8.16 8.20
CA GLU A 24 20.55 6.90 8.41
C GLU A 24 19.92 5.79 7.59
N ALA A 25 18.62 5.61 7.77
CA ALA A 25 17.88 4.61 7.00
C ALA A 25 17.86 4.97 5.52
N ALA A 26 17.44 6.19 5.19
CA ALA A 26 17.28 6.60 3.79
C ALA A 26 18.47 6.24 2.90
N GLU A 27 19.64 6.81 3.17
CA GLU A 27 20.79 6.67 2.28
C GLU A 27 21.19 5.24 1.93
N VAL A 28 21.10 4.33 2.91
CA VAL A 28 21.37 2.92 2.63
C VAL A 28 20.35 2.30 1.68
N VAL A 29 19.07 2.62 1.87
CA VAL A 29 18.01 2.04 1.04
C VAL A 29 18.15 2.39 -0.44
N ASN A 30 18.29 3.67 -0.76
CA ASN A 30 18.50 4.08 -2.15
C ASN A 30 19.76 3.41 -2.69
N TRP A 31 20.80 3.44 -1.86
CA TRP A 31 22.09 2.89 -2.24
C TRP A 31 21.98 1.44 -2.70
N VAL A 32 21.28 0.62 -1.92
CA VAL A 32 21.04 -0.77 -2.31
C VAL A 32 20.18 -0.84 -3.56
N VAL A 33 19.13 -0.02 -3.61
CA VAL A 33 18.22 -0.03 -4.76
C VAL A 33 18.86 0.56 -6.01
N GLU A 34 19.58 1.68 -5.86
CA GLU A 34 20.23 2.33 -7.00
C GLU A 34 21.30 1.45 -7.65
N HIS A 35 22.15 0.87 -6.82
CA HIS A 35 23.12 -0.13 -7.29
C HIS A 35 22.40 -1.33 -7.92
N LEU A 36 21.41 -1.87 -7.21
CA LEU A 36 20.63 -2.99 -7.72
C LEU A 36 20.01 -2.64 -9.09
N LEU A 37 19.44 -1.45 -9.17
CA LEU A 37 18.82 -0.99 -10.42
C LEU A 37 19.85 -0.92 -11.54
N ARG A 38 20.99 -0.30 -11.24
CA ARG A 38 22.08 -0.15 -12.22
C ARG A 38 22.58 -1.48 -12.76
N ARG A 39 22.81 -2.44 -11.88
CA ARG A 39 23.32 -3.74 -12.31
C ARG A 39 22.29 -4.52 -13.13
N LEU A 40 21.02 -4.40 -12.77
CA LEU A 40 19.97 -5.11 -13.47
C LEU A 40 19.79 -4.55 -14.88
N GLN A 41 19.87 -3.23 -14.98
CA GLN A 41 19.78 -2.54 -16.27
C GLN A 41 20.93 -2.97 -17.20
N GLY A 42 22.13 -3.05 -16.66
CA GLY A 42 23.32 -3.39 -17.43
C GLY A 42 23.25 -4.77 -18.04
N GLY A 43 22.96 -5.77 -17.22
CA GLY A 43 22.80 -7.13 -17.70
C GLY A 43 21.70 -7.21 -18.76
N GLU A 44 21.98 -7.92 -19.85
CA GLU A 44 20.98 -8.13 -20.88
C GLU A 44 19.94 -9.12 -20.41
N SER A 45 19.43 -8.89 -19.20
CA SER A 45 18.30 -9.62 -18.70
C SER A 45 17.06 -8.99 -19.30
N GLU A 46 15.92 -9.64 -19.10
CA GLU A 46 14.64 -9.16 -19.56
C GLU A 46 14.33 -7.90 -18.74
N PHE A 47 14.83 -7.90 -17.51
CA PHE A 47 14.56 -6.84 -16.56
C PHE A 47 15.52 -5.67 -16.75
N LYS A 48 16.31 -5.72 -17.82
CA LYS A 48 17.17 -4.60 -18.16
C LYS A 48 16.30 -3.36 -18.38
N GLY A 49 15.09 -3.58 -18.88
CA GLY A 49 14.18 -2.48 -19.17
C GLY A 49 13.54 -1.86 -17.94
N VAL A 50 13.70 -2.49 -16.78
CA VAL A 50 13.02 -2.06 -15.55
C VAL A 50 13.21 -0.58 -15.24
N ALA A 51 12.11 0.09 -14.89
CA ALA A 51 12.16 1.44 -14.35
C ALA A 51 11.68 1.40 -12.90
N LEU A 52 12.19 2.32 -12.07
CA LEU A 52 11.89 2.29 -10.64
C LEU A 52 10.78 3.24 -10.22
N LEU A 53 9.77 2.70 -9.53
CA LEU A 53 8.68 3.49 -8.98
C LEU A 53 8.68 3.40 -7.46
N ARG A 54 8.72 4.55 -6.80
CA ARG A 54 8.71 4.58 -5.34
C ARG A 54 7.30 4.78 -4.79
N THR A 55 6.88 3.85 -3.94
CA THR A 55 5.52 3.83 -3.42
C THR A 55 5.50 3.36 -1.96
N GLY A 56 4.32 3.27 -1.38
CA GLY A 56 4.17 2.85 0.00
C GLY A 56 4.30 3.99 1.00
N SER A 57 3.91 3.72 2.24
CA SER A 57 3.80 4.72 3.31
C SER A 57 4.92 5.77 3.40
N TYR A 58 6.16 5.33 3.59
CA TYR A 58 7.31 6.23 3.70
C TYR A 58 7.32 7.28 2.59
N TYR A 59 7.15 6.84 1.36
CA TYR A 59 7.23 7.75 0.22
C TYR A 59 5.99 8.64 0.07
N GLU A 60 4.83 8.11 0.43
CA GLU A 60 3.64 8.94 0.49
C GLU A 60 3.62 9.74 1.78
N ARG A 61 4.58 9.43 2.66
CA ARG A 61 4.88 10.24 3.85
C ARG A 61 3.95 10.02 5.04
N VAL A 62 3.39 8.82 5.14
CA VAL A 62 2.55 8.48 6.28
C VAL A 62 3.20 7.41 7.14
N LYS A 63 4.52 7.29 7.03
CA LYS A 63 5.26 6.30 7.80
C LYS A 63 5.21 6.61 9.29
N ILE A 64 5.18 5.57 10.11
CA ILE A 64 4.94 5.73 11.54
C ILE A 64 6.09 5.22 12.42
N SER A 65 6.36 5.95 13.51
CA SER A 65 7.37 5.57 14.51
C SER A 65 8.80 5.58 13.97
N ALA A 66 9.05 4.79 12.93
CA ALA A 66 10.39 4.65 12.35
C ALA A 66 10.29 4.15 10.92
N PRO A 67 11.35 4.40 10.14
CA PRO A 67 11.49 3.82 8.80
C PRO A 67 11.71 2.31 8.89
N ASN A 68 10.74 1.61 9.49
CA ASN A 68 10.83 0.17 9.70
C ASN A 68 10.87 -0.57 8.37
N GLN A 69 10.04 -0.13 7.44
CA GLN A 69 9.92 -0.80 6.15
C GLN A 69 9.85 0.18 4.98
N PHE A 70 10.28 -0.29 3.82
CA PHE A 70 10.16 0.46 2.58
C PHE A 70 9.47 -0.40 1.52
N ASN A 71 8.70 0.23 0.66
CA ASN A 71 8.12 -0.47 -0.47
C ASN A 71 8.60 0.19 -1.74
N VAL A 72 9.05 -0.63 -2.68
CA VAL A 72 9.55 -0.11 -3.93
C VAL A 72 8.99 -0.97 -5.05
N MET A 73 8.77 -0.34 -6.21
CA MET A 73 8.25 -1.05 -7.36
C MET A 73 9.20 -0.98 -8.53
N PHE A 74 9.46 -2.14 -9.13
CA PHE A 74 10.18 -2.21 -10.38
C PHE A 74 9.20 -2.48 -11.52
N LYS A 75 9.09 -1.54 -12.44
CA LYS A 75 8.09 -1.63 -13.49
C LYS A 75 8.67 -1.90 -14.87
N LEU A 76 8.16 -2.94 -15.53
CA LEU A 76 8.45 -3.19 -16.94
C LEU A 76 7.32 -2.70 -17.81
N GLU A 77 7.62 -1.82 -18.75
CA GLU A 77 6.64 -1.45 -19.75
C GLU A 77 6.41 -2.65 -20.67
N VAL A 78 5.16 -3.08 -20.75
CA VAL A 78 4.78 -4.20 -21.61
C VAL A 78 3.70 -3.75 -22.59
N PRO A 79 3.91 -3.97 -23.89
CA PRO A 79 2.98 -3.55 -24.93
C PRO A 79 2.16 -4.70 -25.50
N ARG A 80 1.00 -4.37 -26.07
CA ARG A 80 0.13 -5.35 -26.70
C ARG A 80 -0.52 -6.31 -25.70
N ILE A 81 -0.48 -5.95 -24.43
CA ILE A 81 -1.01 -6.83 -23.38
C ILE A 81 -2.51 -7.05 -23.51
N GLN A 82 -2.93 -8.27 -23.23
CA GLN A 82 -4.34 -8.62 -23.14
C GLN A 82 -4.49 -9.44 -21.89
N LEU A 83 -5.64 -9.35 -21.23
CA LEU A 83 -5.77 -10.02 -19.94
C LEU A 83 -7.19 -10.50 -19.67
N GLU A 84 -7.30 -11.52 -18.84
CA GLU A 84 -8.59 -12.13 -18.52
C GLU A 84 -8.71 -12.28 -17.01
N GLU A 85 -9.89 -12.01 -16.47
CA GLU A 85 -10.11 -12.17 -15.04
C GLU A 85 -10.12 -13.65 -14.67
N TYR A 86 -9.40 -14.01 -13.60
CA TYR A 86 -9.34 -15.40 -13.13
C TYR A 86 -10.73 -16.01 -12.96
N CYS A 87 -11.57 -15.36 -12.17
CA CYS A 87 -12.93 -15.84 -11.91
C CYS A 87 -13.88 -14.70 -11.55
N ASN A 88 -13.96 -13.69 -12.40
CA ASN A 88 -14.75 -12.50 -12.10
C ASN A 88 -14.39 -11.89 -10.76
N SER A 89 -13.10 -11.96 -10.43
CA SER A 89 -12.57 -11.29 -9.26
C SER A 89 -11.84 -10.04 -9.74
N GLY A 90 -12.23 -8.89 -9.19
CA GLY A 90 -11.66 -7.62 -9.60
C GLY A 90 -10.15 -7.53 -9.51
N ALA A 91 -9.57 -8.13 -8.47
CA ALA A 91 -8.14 -7.99 -8.21
C ALA A 91 -7.24 -8.79 -9.16
N HIS A 92 -7.67 -9.99 -9.54
CA HIS A 92 -6.78 -10.88 -10.27
C HIS A 92 -7.14 -11.13 -11.74
N TYR A 93 -6.11 -11.15 -12.59
CA TYR A 93 -6.25 -11.49 -14.00
C TYR A 93 -4.99 -12.22 -14.45
N PHE A 94 -5.10 -13.03 -15.49
CA PHE A 94 -3.92 -13.49 -16.22
C PHE A 94 -3.80 -12.78 -17.57
N VAL A 95 -2.57 -12.42 -17.92
CA VAL A 95 -2.29 -11.64 -19.13
C VAL A 95 -2.04 -12.54 -20.34
N LYS A 96 -2.97 -12.49 -21.30
CA LYS A 96 -2.81 -13.21 -22.56
C LYS A 96 -1.80 -12.47 -23.43
N PHE A 97 -1.19 -13.19 -24.37
CA PHE A 97 -0.22 -12.58 -25.27
C PHE A 97 -0.17 -13.30 -26.61
N PRO A 105 10.15 -9.74 -27.94
CA PRO A 105 9.12 -10.49 -27.23
C PRO A 105 9.77 -11.58 -26.38
N LEU A 106 10.04 -11.27 -25.13
CA LEU A 106 10.79 -12.19 -24.26
C LEU A 106 9.85 -13.16 -23.54
N GLU A 107 9.92 -14.42 -23.96
CA GLU A 107 8.92 -15.42 -23.57
C GLU A 107 9.43 -16.53 -22.65
N GLN A 108 10.67 -16.40 -22.18
CA GLN A 108 11.25 -17.43 -21.32
C GLN A 108 10.36 -17.75 -20.12
N PHE A 109 9.76 -16.71 -19.54
CA PHE A 109 8.91 -16.87 -18.36
C PHE A 109 7.54 -17.39 -18.74
N LEU A 110 7.11 -17.02 -19.94
CA LEU A 110 5.77 -17.34 -20.40
C LEU A 110 5.57 -18.84 -20.48
N GLU A 111 4.37 -19.28 -20.11
CA GLU A 111 3.96 -20.65 -20.25
C GLU A 111 2.58 -20.69 -20.90
N LYS A 112 2.48 -21.38 -22.03
CA LYS A 112 1.19 -21.60 -22.68
C LYS A 112 0.57 -20.29 -23.18
N GLU A 113 1.41 -19.39 -23.65
CA GLU A 113 0.94 -18.11 -24.16
C GLU A 113 0.43 -17.14 -23.09
N ILE A 114 0.45 -17.56 -21.83
CA ILE A 114 0.11 -16.66 -20.74
C ILE A 114 1.26 -16.60 -19.74
N LEU A 115 1.66 -15.38 -19.40
CA LEU A 115 2.77 -15.20 -18.47
C LEU A 115 2.44 -15.78 -17.10
N SER A 116 3.42 -16.48 -16.55
CA SER A 116 3.33 -17.02 -15.20
C SER A 116 4.06 -16.11 -14.23
N ALA A 117 3.31 -15.47 -13.35
CA ALA A 117 3.89 -14.68 -12.27
C ALA A 117 4.88 -15.54 -11.49
N SER A 118 4.43 -16.71 -11.04
CA SER A 118 5.28 -17.68 -10.35
C SER A 118 6.55 -17.99 -11.16
N LYS A 119 6.36 -18.34 -12.43
CA LYS A 119 7.49 -18.52 -13.34
C LYS A 119 8.25 -17.21 -13.51
N MET A 120 7.53 -16.12 -13.74
CA MET A 120 8.14 -14.81 -13.93
C MET A 120 8.81 -14.28 -12.66
N LEU A 121 8.10 -14.37 -11.54
CA LEU A 121 8.63 -13.91 -10.26
C LEU A 121 9.89 -14.67 -9.84
N SER A 122 9.85 -15.99 -9.98
CA SER A 122 10.95 -16.85 -9.53
C SER A 122 12.28 -16.43 -10.13
N LYS A 123 12.31 -16.14 -11.42
CA LYS A 123 13.56 -15.72 -12.02
C LYS A 123 13.98 -14.36 -11.48
N PHE A 124 13.02 -13.45 -11.36
CA PHE A 124 13.28 -12.14 -10.80
C PHE A 124 13.90 -12.25 -9.40
N ARG A 125 13.27 -13.03 -8.52
CA ARG A 125 13.79 -13.24 -7.17
C ARG A 125 15.16 -13.91 -7.22
N LYS A 126 15.30 -14.88 -8.11
CA LYS A 126 16.56 -15.57 -8.33
C LYS A 126 17.69 -14.60 -8.67
N ILE A 127 17.40 -13.65 -9.56
CA ILE A 127 18.36 -12.65 -9.98
C ILE A 127 18.80 -11.75 -8.83
N ILE A 128 17.83 -11.28 -8.05
CA ILE A 128 18.11 -10.40 -6.90
C ILE A 128 19.04 -11.09 -5.90
N LYS A 129 18.69 -12.34 -5.58
CA LYS A 129 19.48 -13.16 -4.66
C LYS A 129 20.92 -13.26 -5.15
N GLU A 130 21.06 -13.56 -6.44
CA GLU A 130 22.36 -13.58 -7.09
C GLU A 130 23.05 -12.23 -6.97
N GLU A 131 22.30 -11.17 -7.24
CA GLU A 131 22.86 -9.82 -7.24
C GLU A 131 23.20 -9.32 -5.84
N ILE A 132 22.36 -9.64 -4.86
CA ILE A 132 22.62 -9.30 -3.48
C ILE A 132 23.91 -9.95 -2.96
N LYS A 133 24.17 -11.18 -3.40
CA LYS A 133 25.35 -11.93 -2.99
C LYS A 133 26.67 -11.23 -3.30
N ASN A 134 26.66 -10.30 -4.25
CA ASN A 134 27.91 -9.64 -4.65
C ASN A 134 28.41 -8.71 -3.58
N ILE A 135 27.56 -7.79 -3.14
CA ILE A 135 27.87 -6.97 -1.99
C ILE A 135 27.93 -7.86 -0.74
N GLU A 136 26.94 -8.75 -0.61
CA GLU A 136 26.90 -9.76 0.44
C GLU A 136 27.35 -9.30 1.82
N ASP A 137 26.82 -8.18 2.28
CA ASP A 137 27.07 -7.81 3.66
C ASP A 137 26.30 -8.81 4.50
N THR A 138 26.81 -9.11 5.70
CA THR A 138 26.05 -9.89 6.65
C THR A 138 24.76 -9.13 6.92
N GLY A 139 24.84 -7.81 6.85
CA GLY A 139 23.69 -6.94 7.05
C GLY A 139 22.65 -7.06 5.97
N VAL A 140 23.06 -7.14 4.71
CA VAL A 140 22.11 -7.27 3.61
C VAL A 140 21.91 -8.71 3.16
N THR A 141 20.66 -9.14 3.15
CA THR A 141 20.30 -10.50 2.77
C THR A 141 18.88 -10.50 2.23
N VAL A 142 18.49 -11.57 1.56
CA VAL A 142 17.13 -11.68 1.07
C VAL A 142 16.32 -12.61 1.96
N GLU A 143 15.27 -12.06 2.57
CA GLU A 143 14.40 -12.83 3.44
C GLU A 143 13.83 -14.03 2.71
N ARG A 144 13.61 -15.12 3.44
CA ARG A 144 13.04 -16.33 2.85
C ARG A 144 11.69 -16.03 2.23
N LYS A 145 11.41 -16.67 1.09
CA LYS A 145 10.13 -16.48 0.42
C LYS A 145 8.97 -16.87 1.34
N ARG A 146 7.93 -16.06 1.31
CA ARG A 146 6.67 -16.40 1.94
C ARG A 146 5.68 -16.70 0.82
N ARG A 147 5.11 -17.90 0.82
CA ARG A 147 4.17 -18.27 -0.24
C ARG A 147 2.99 -17.31 -0.25
N GLY A 148 2.55 -16.94 -1.45
CA GLY A 148 1.47 -15.97 -1.59
C GLY A 148 1.98 -14.55 -1.37
N SER A 149 3.30 -14.38 -1.42
CA SER A 149 3.90 -13.05 -1.35
C SER A 149 4.51 -12.73 -2.72
N PRO A 150 4.20 -11.55 -3.28
CA PRO A 150 4.67 -11.21 -4.63
C PRO A 150 5.93 -10.33 -4.61
N ALA A 151 6.44 -10.03 -3.43
CA ALA A 151 7.57 -9.11 -3.32
C ALA A 151 8.81 -9.75 -2.74
N VAL A 152 9.90 -9.70 -3.51
CA VAL A 152 11.20 -10.04 -2.96
C VAL A 152 11.50 -9.01 -1.87
N THR A 153 11.96 -9.49 -0.71
CA THR A 153 12.22 -8.58 0.40
C THR A 153 13.69 -8.55 0.79
N LEU A 154 14.31 -7.39 0.62
CA LEU A 154 15.64 -7.18 1.15
C LEU A 154 15.54 -7.05 2.66
N LEU A 155 16.59 -7.46 3.36
CA LEU A 155 16.66 -7.31 4.79
C LEU A 155 18.00 -6.67 5.13
N ILE A 156 17.97 -5.55 5.84
CA ILE A 156 19.21 -4.91 6.27
C ILE A 156 19.32 -4.94 7.79
N SER A 157 20.36 -5.60 8.28
CA SER A 157 20.61 -5.69 9.70
C SER A 157 21.53 -4.55 10.14
N LYS A 158 21.96 -3.74 9.18
CA LYS A 158 22.76 -2.56 9.51
C LYS A 158 22.10 -1.27 9.06
N PRO A 159 22.01 -0.27 9.97
CA PRO A 159 22.47 -0.41 11.34
C PRO A 159 21.50 -1.29 12.14
N LYS A 160 20.22 -1.10 11.88
CA LYS A 160 19.16 -1.78 12.60
C LYS A 160 18.27 -2.56 11.64
N GLU A 161 17.56 -3.55 12.16
CA GLU A 161 16.66 -4.36 11.35
C GLU A 161 15.62 -3.52 10.61
N ILE A 162 15.54 -3.74 9.30
CA ILE A 162 14.69 -2.99 8.41
C ILE A 162 14.49 -3.82 7.15
N SER A 163 13.36 -3.63 6.49
CA SER A 163 13.07 -4.40 5.28
C SER A 163 12.65 -3.48 4.14
N VAL A 164 13.10 -3.83 2.94
CA VAL A 164 12.66 -3.15 1.73
C VAL A 164 11.93 -4.17 0.86
N ASP A 165 10.71 -3.83 0.44
CA ASP A 165 9.94 -4.71 -0.41
C ASP A 165 10.07 -4.33 -1.88
N ILE A 166 10.60 -5.26 -2.67
CA ILE A 166 10.71 -5.07 -4.11
C ILE A 166 9.57 -5.79 -4.81
N ILE A 167 8.77 -5.04 -5.56
CA ILE A 167 7.67 -5.63 -6.32
C ILE A 167 7.94 -5.48 -7.81
N LEU A 168 7.92 -6.61 -8.52
CA LEU A 168 8.00 -6.56 -9.97
C LEU A 168 6.71 -5.96 -10.51
N ALA A 169 6.84 -5.03 -11.44
CA ALA A 169 5.67 -4.34 -11.97
C ALA A 169 5.62 -4.34 -13.49
N LEU A 170 4.49 -4.77 -14.03
CA LEU A 170 4.23 -4.63 -15.45
C LEU A 170 3.26 -3.47 -15.59
N GLU A 171 3.63 -2.45 -16.35
CA GLU A 171 2.74 -1.30 -16.53
C GLU A 171 2.09 -1.31 -17.91
N SER A 172 0.78 -1.14 -17.93
CA SER A 172 0.01 -1.15 -19.16
C SER A 172 -0.57 0.23 -19.50
N LYS A 173 -0.28 0.70 -20.70
CA LYS A 173 -0.82 1.97 -21.17
C LYS A 173 -2.25 1.80 -21.66
N SER A 174 -2.77 0.58 -21.53
CA SER A 174 -4.13 0.28 -21.93
C SER A 174 -5.15 0.95 -21.02
N SER A 175 -6.39 1.05 -21.50
CA SER A 175 -7.48 1.57 -20.69
C SER A 175 -7.69 0.70 -19.45
N TRP A 176 -8.11 1.33 -18.36
CA TRP A 176 -8.34 0.62 -17.11
C TRP A 176 -9.40 -0.47 -17.28
N PRO A 177 -9.24 -1.60 -16.58
CA PRO A 177 -10.19 -2.71 -16.69
C PRO A 177 -11.59 -2.34 -16.21
N ALA A 178 -12.59 -3.10 -16.65
CA ALA A 178 -14.00 -2.82 -16.33
C ALA A 178 -14.30 -2.78 -14.83
N SER A 179 -13.63 -3.65 -14.07
CA SER A 179 -13.80 -3.69 -12.62
C SER A 179 -13.56 -2.32 -11.99
N THR A 180 -12.62 -1.58 -12.57
CA THR A 180 -12.18 -0.30 -12.03
C THR A 180 -13.22 0.81 -12.09
N GLN A 181 -13.99 0.84 -13.17
CA GLN A 181 -14.76 2.03 -13.55
C GLN A 181 -15.69 2.65 -12.50
N LYS A 182 -16.41 1.82 -11.76
CA LYS A 182 -17.25 2.35 -10.69
C LYS A 182 -16.41 2.90 -9.55
N GLY A 183 -15.23 2.33 -9.35
CA GLY A 183 -14.35 2.70 -8.27
C GLY A 183 -13.67 4.05 -8.40
N LEU A 184 -13.02 4.48 -7.32
CA LEU A 184 -12.30 5.75 -7.28
C LEU A 184 -13.26 6.94 -7.45
N PRO A 185 -14.24 7.08 -6.55
CA PRO A 185 -15.16 8.21 -6.67
C PRO A 185 -14.58 9.46 -6.02
N ILE A 186 -13.54 10.01 -6.64
CA ILE A 186 -12.89 11.22 -6.13
C ILE A 186 -13.52 12.47 -6.74
N SER A 187 -14.54 12.25 -7.58
CA SER A 187 -15.18 13.32 -8.35
C SER A 187 -15.66 14.50 -7.51
N GLN A 188 -16.40 14.22 -6.44
CA GLN A 188 -16.82 15.27 -5.52
C GLN A 188 -15.60 15.87 -4.84
N TRP A 189 -14.70 14.99 -4.43
CA TRP A 189 -13.52 15.36 -3.65
C TRP A 189 -12.49 16.12 -4.50
N LEU A 190 -12.07 15.53 -5.61
CA LEU A 190 -10.99 16.10 -6.41
C LEU A 190 -11.43 16.60 -7.78
N GLY A 191 -12.63 16.23 -8.21
CA GLY A 191 -13.17 16.70 -9.47
C GLY A 191 -12.94 15.75 -10.62
N ALA A 192 -13.74 15.90 -11.67
CA ALA A 192 -13.67 15.02 -12.83
C ALA A 192 -12.36 15.18 -13.61
N LYS A 193 -11.97 16.42 -13.87
CA LYS A 193 -10.70 16.69 -14.53
C LYS A 193 -9.56 15.92 -13.87
N VAL A 194 -9.40 16.10 -12.57
CA VAL A 194 -8.40 15.34 -11.81
C VAL A 194 -8.70 13.85 -11.88
N LYS A 195 -9.96 13.48 -11.67
CA LYS A 195 -10.37 12.08 -11.72
C LYS A 195 -10.11 11.48 -13.10
N ASN A 196 -10.48 12.23 -14.14
CA ASN A 196 -10.24 11.77 -15.51
C ASN A 196 -8.76 11.58 -15.81
N ASN A 197 -7.93 12.53 -15.36
CA ASN A 197 -6.50 12.47 -15.59
C ASN A 197 -5.84 11.27 -14.91
N LEU A 198 -6.28 10.96 -13.69
CA LEU A 198 -5.77 9.81 -12.95
C LEU A 198 -6.02 8.50 -13.71
N LYS A 199 -7.23 8.35 -14.22
CA LYS A 199 -7.61 7.19 -15.01
C LYS A 199 -6.73 7.01 -16.24
N ARG A 200 -6.28 8.11 -16.83
CA ARG A 200 -5.45 8.08 -18.03
C ARG A 200 -4.09 7.45 -17.77
N GLN A 201 -3.54 7.71 -16.59
CA GLN A 201 -2.26 7.12 -16.21
C GLN A 201 -2.37 5.60 -16.17
N PRO A 202 -1.27 4.89 -16.48
CA PRO A 202 -1.30 3.44 -16.65
C PRO A 202 -1.48 2.69 -15.33
N PHE A 203 -2.19 1.56 -15.38
CA PHE A 203 -2.31 0.68 -14.23
C PHE A 203 -1.14 -0.31 -14.23
N TYR A 204 -0.91 -0.95 -13.09
CA TYR A 204 0.20 -1.89 -12.97
C TYR A 204 -0.26 -3.28 -12.56
N LEU A 205 0.53 -4.28 -12.95
CA LEU A 205 0.22 -5.67 -12.63
C LEU A 205 1.32 -6.27 -11.77
N VAL A 206 0.90 -6.99 -10.73
CA VAL A 206 1.85 -7.62 -9.83
C VAL A 206 1.46 -9.08 -9.59
N PRO A 207 2.45 -9.93 -9.26
CA PRO A 207 2.25 -11.38 -9.14
C PRO A 207 1.67 -11.84 -7.80
N LYS A 208 0.42 -11.45 -7.54
CA LYS A 208 -0.34 -12.06 -6.46
C LYS A 208 -1.40 -13.03 -7.07
N HIS A 209 -1.66 -14.14 -6.38
CA HIS A 209 -2.63 -15.12 -6.85
C HIS A 209 -3.69 -15.45 -5.80
N ALA A 210 -4.97 -15.33 -6.15
CA ALA A 210 -5.99 -15.90 -5.30
C ALA A 210 -5.98 -17.42 -5.44
N LYS A 211 -6.49 -18.11 -4.43
CA LYS A 211 -6.63 -19.56 -4.41
C LYS A 211 -7.16 -20.12 -5.73
N GLY A 215 -5.65 -24.26 -1.65
CA GLY A 215 -5.75 -22.94 -2.25
C GLY A 215 -4.49 -22.54 -2.98
N PHE A 216 -4.51 -22.61 -4.31
CA PHE A 216 -3.33 -22.33 -5.10
C PHE A 216 -3.59 -21.66 -6.45
N GLN A 217 -2.60 -20.91 -6.94
CA GLN A 217 -2.56 -20.50 -8.33
C GLN A 217 -1.13 -20.09 -8.66
N GLU A 218 -0.77 -20.16 -9.93
CA GLU A 218 0.61 -19.89 -10.32
C GLU A 218 0.81 -18.76 -11.34
N GLU A 219 -0.16 -18.55 -12.23
CA GLU A 219 0.03 -17.61 -13.34
C GLU A 219 -0.83 -16.37 -13.34
N THR A 220 -1.68 -16.21 -12.33
CA THR A 220 -2.51 -15.03 -12.18
C THR A 220 -1.68 -13.81 -11.77
N TRP A 221 -2.35 -12.66 -11.85
CA TRP A 221 -1.75 -11.39 -11.49
C TRP A 221 -2.75 -10.55 -10.72
N ARG A 222 -2.25 -9.51 -10.05
CA ARG A 222 -3.15 -8.56 -9.41
C ARG A 222 -2.84 -7.12 -9.80
N LEU A 223 -3.87 -6.29 -9.87
CA LEU A 223 -3.70 -4.89 -10.22
C LEU A 223 -3.15 -4.11 -9.04
N SER A 224 -2.27 -3.15 -9.34
CA SER A 224 -1.73 -2.25 -8.34
C SER A 224 -2.00 -0.82 -8.74
N PHE A 225 -2.59 -0.05 -7.82
CA PHE A 225 -2.81 1.37 -8.06
C PHE A 225 -1.99 2.21 -7.09
N SER A 226 -0.91 1.60 -6.58
CA SER A 226 -0.01 2.24 -5.63
C SER A 226 0.44 3.63 -6.08
N HIS A 227 0.73 3.78 -7.37
CA HIS A 227 1.11 5.08 -7.89
C HIS A 227 -0.03 6.10 -7.79
N ILE A 228 -1.26 5.64 -8.02
CA ILE A 228 -2.42 6.52 -7.94
C ILE A 228 -2.73 6.93 -6.50
N GLU A 229 -2.69 5.96 -5.59
CA GLU A 229 -2.90 6.22 -4.17
C GLU A 229 -1.91 7.25 -3.65
N LYS A 230 -0.65 7.06 -4.00
CA LYS A 230 0.41 8.00 -3.61
C LYS A 230 0.11 9.40 -4.14
N ASP A 231 -0.34 9.50 -5.38
CA ASP A 231 -0.66 10.79 -5.99
C ASP A 231 -1.74 11.52 -5.19
N ILE A 232 -2.85 10.84 -4.92
CA ILE A 232 -3.94 11.46 -4.18
C ILE A 232 -3.53 11.86 -2.75
N LEU A 233 -2.69 11.04 -2.13
CA LEU A 233 -2.18 11.36 -0.79
C LEU A 233 -1.33 12.63 -0.79
N LYS A 234 -0.52 12.79 -1.83
CA LYS A 234 0.28 14.00 -2.00
C LYS A 234 -0.64 15.20 -2.14
N ASN A 235 -1.71 15.03 -2.90
CA ASN A 235 -2.69 16.09 -3.16
C ASN A 235 -4.09 15.73 -2.65
N HIS A 236 -4.23 15.57 -1.35
CA HIS A 236 -5.50 15.24 -0.71
C HIS A 236 -6.51 16.39 -0.84
N GLY A 237 -6.01 17.61 -0.74
CA GLY A 237 -6.84 18.79 -0.68
C GLY A 237 -7.76 19.03 -1.87
N GLN A 238 -9.01 19.36 -1.56
CA GLN A 238 -9.97 19.76 -2.59
C GLN A 238 -9.56 21.13 -3.12
N SER A 239 -8.93 21.92 -2.26
CA SER A 239 -8.30 23.16 -2.69
C SER A 239 -6.89 22.83 -3.14
N LYS A 240 -6.38 23.58 -4.10
CA LYS A 240 -5.04 23.33 -4.61
C LYS A 240 -3.99 23.63 -3.54
N THR A 241 -4.34 24.51 -2.60
CA THR A 241 -3.38 25.05 -1.65
C THR A 241 -3.39 24.37 -0.28
N CYS A 242 -4.28 23.39 -0.11
CA CYS A 242 -4.41 22.68 1.16
C CYS A 242 -3.07 22.17 1.68
N CYS A 243 -2.78 22.52 2.94
CA CYS A 243 -1.51 22.18 3.59
C CYS A 243 -0.29 22.88 2.96
N GLU A 244 -0.53 23.80 2.03
CA GLU A 244 0.57 24.60 1.49
C GLU A 244 0.90 25.75 2.41
N ILE A 245 2.05 26.40 2.17
CA ILE A 245 2.48 27.52 2.99
C ILE A 245 1.47 28.67 2.94
N ASP A 246 0.91 28.91 1.76
CA ASP A 246 -0.07 29.98 1.58
C ASP A 246 -1.50 29.46 1.70
N GLY A 247 -1.65 28.26 2.25
CA GLY A 247 -2.96 27.66 2.40
C GLY A 247 -3.22 27.11 3.80
N VAL A 248 -4.50 26.95 4.11
CA VAL A 248 -4.91 26.36 5.39
C VAL A 248 -4.47 24.91 5.44
N LYS A 249 -4.16 24.41 6.63
CA LYS A 249 -3.71 23.03 6.78
C LYS A 249 -4.85 22.09 7.11
N CYS A 250 -5.01 21.05 6.29
CA CYS A 250 -5.96 19.98 6.62
C CYS A 250 -5.27 18.99 7.54
N CYS A 251 -6.07 18.16 8.20
CA CYS A 251 -5.54 17.18 9.14
C CYS A 251 -5.66 15.76 8.60
N ARG A 252 -6.07 15.64 7.34
CA ARG A 252 -6.32 14.35 6.70
C ARG A 252 -5.15 13.37 6.84
N LYS A 253 -3.97 13.80 6.41
CA LYS A 253 -2.77 12.98 6.53
C LYS A 253 -2.52 12.60 7.99
N GLU A 254 -2.66 13.59 8.87
CA GLU A 254 -2.50 13.36 10.31
C GLU A 254 -3.52 12.34 10.83
N CYS A 255 -4.76 12.46 10.37
CA CYS A 255 -5.80 11.51 10.73
C CYS A 255 -5.39 10.09 10.34
N LEU A 256 -4.82 9.96 9.14
CA LEU A 256 -4.37 8.66 8.64
C LEU A 256 -3.31 8.01 9.53
N LYS A 257 -2.27 8.77 9.87
CA LYS A 257 -1.20 8.28 10.73
C LYS A 257 -1.70 7.66 12.04
N LEU A 258 -2.59 8.37 12.73
CA LEU A 258 -3.19 7.89 13.97
C LEU A 258 -3.91 6.56 13.77
N MET A 259 -4.75 6.52 12.73
CA MET A 259 -5.46 5.30 12.36
C MET A 259 -4.49 4.16 12.12
N LYS A 260 -3.45 4.42 11.35
CA LYS A 260 -2.38 3.46 11.13
C LYS A 260 -1.76 3.07 12.47
N TYR A 261 -1.54 4.08 13.30
CA TYR A 261 -0.90 3.91 14.59
C TYR A 261 -1.76 3.13 15.58
N LEU A 262 -3.04 3.46 15.63
CA LEU A 262 -4.00 2.75 16.49
C LEU A 262 -3.96 1.25 16.22
N LEU A 263 -4.13 0.85 14.97
CA LEU A 263 -4.08 -0.57 14.62
C LEU A 263 -2.76 -1.22 15.02
N GLU A 264 -1.65 -0.63 14.61
CA GLU A 264 -0.33 -1.18 14.91
C GLU A 264 -0.08 -1.31 16.41
N GLN A 265 -0.50 -0.29 17.16
CA GLN A 265 -0.43 -0.36 18.62
C GLN A 265 -1.24 -1.53 19.16
N LEU A 266 -2.41 -1.76 18.55
CA LEU A 266 -3.26 -2.87 18.94
C LEU A 266 -2.59 -4.24 18.80
N LYS A 267 -1.92 -4.47 17.68
CA LYS A 267 -1.21 -5.72 17.48
C LYS A 267 -0.12 -5.90 18.52
N LYS A 268 0.68 -4.86 18.72
CA LYS A 268 1.81 -4.93 19.63
C LYS A 268 1.41 -4.81 21.09
N LYS A 269 0.76 -3.70 21.45
CA LYS A 269 0.44 -3.42 22.84
C LYS A 269 -0.61 -4.38 23.38
N PHE A 270 -1.69 -4.55 22.62
CA PHE A 270 -2.65 -5.57 23.00
C PHE A 270 -1.99 -6.95 22.97
N GLY A 271 -1.07 -7.14 22.02
CA GLY A 271 -0.46 -8.44 21.81
C GLY A 271 -1.12 -9.15 20.65
N ASN A 272 -0.32 -9.83 19.82
CA ASN A 272 -0.83 -10.50 18.64
C ASN A 272 -1.90 -11.53 18.98
N ARG A 273 -2.96 -11.58 18.19
CA ARG A 273 -3.97 -12.64 18.32
C ARG A 273 -4.40 -13.14 16.94
N ARG A 274 -4.86 -14.39 16.90
CA ARG A 274 -5.26 -15.03 15.65
C ARG A 274 -6.13 -14.14 14.77
N GLU A 275 -7.04 -13.41 15.40
CA GLU A 275 -7.95 -12.56 14.65
C GLU A 275 -7.24 -11.31 14.16
N LEU A 276 -6.27 -10.85 14.94
CA LEU A 276 -5.58 -9.60 14.64
C LEU A 276 -4.71 -9.68 13.39
N ALA A 277 -4.06 -10.83 13.20
CA ALA A 277 -3.08 -11.02 12.14
C ALA A 277 -3.57 -10.65 10.73
N LYS A 278 -4.82 -11.01 10.41
CA LYS A 278 -5.36 -10.79 9.08
C LYS A 278 -5.43 -9.31 8.71
N PHE A 279 -5.85 -8.48 9.66
CA PHE A 279 -5.95 -7.04 9.42
C PHE A 279 -4.58 -6.43 9.15
N CYS A 280 -4.53 -5.52 8.18
CA CYS A 280 -3.29 -4.87 7.78
C CYS A 280 -3.50 -3.39 7.45
N SER A 281 -2.41 -2.65 7.35
CA SER A 281 -2.45 -1.20 7.16
C SER A 281 -3.21 -0.75 5.91
N TYR A 282 -3.32 -1.63 4.92
CA TYR A 282 -4.02 -1.26 3.70
C TYR A 282 -5.50 -1.02 3.98
N HIS A 283 -6.05 -1.79 4.92
CA HIS A 283 -7.44 -1.65 5.34
C HIS A 283 -7.77 -0.26 5.88
N VAL A 284 -6.87 0.31 6.69
CA VAL A 284 -7.10 1.64 7.22
C VAL A 284 -6.97 2.66 6.09
N LYS A 285 -5.96 2.46 5.26
CA LYS A 285 -5.73 3.34 4.12
C LYS A 285 -6.90 3.30 3.13
N THR A 286 -7.42 2.12 2.82
CA THR A 286 -8.60 2.01 1.99
C THR A 286 -9.81 2.65 2.68
N ALA A 287 -9.94 2.38 3.98
CA ALA A 287 -11.03 2.94 4.79
C ALA A 287 -10.96 4.46 4.86
N PHE A 288 -9.78 4.99 5.16
CA PHE A 288 -9.54 6.43 5.19
C PHE A 288 -9.99 7.12 3.90
N PHE A 289 -9.68 6.53 2.76
CA PHE A 289 -10.08 7.08 1.47
C PHE A 289 -11.60 7.21 1.35
N HIS A 290 -12.31 6.19 1.81
CA HIS A 290 -13.77 6.21 1.82
C HIS A 290 -14.31 7.42 2.59
N VAL A 291 -13.70 7.69 3.73
CA VAL A 291 -14.08 8.86 4.54
C VAL A 291 -13.81 10.17 3.78
N CYS A 292 -12.66 10.24 3.12
CA CYS A 292 -12.32 11.38 2.28
C CYS A 292 -13.37 11.59 1.20
N THR A 293 -13.88 10.48 0.65
CA THR A 293 -14.96 10.55 -0.32
C THR A 293 -16.24 10.99 0.36
N GLN A 294 -16.46 10.45 1.56
CA GLN A 294 -17.61 10.83 2.39
C GLN A 294 -17.62 12.33 2.66
N ASP A 295 -16.43 12.87 2.90
CA ASP A 295 -16.24 14.25 3.30
C ASP A 295 -15.21 14.94 2.40
N PRO A 296 -15.67 15.61 1.33
CA PRO A 296 -14.71 16.10 0.32
C PRO A 296 -14.32 17.56 0.50
N HIS A 297 -14.65 18.18 1.63
CA HIS A 297 -14.36 19.59 1.83
C HIS A 297 -13.25 19.83 2.86
N ASP A 298 -12.34 20.75 2.55
CA ASP A 298 -11.20 21.05 3.40
C ASP A 298 -11.64 21.67 4.73
N ASN A 299 -12.68 22.50 4.69
CA ASN A 299 -13.26 23.09 5.89
C ASN A 299 -13.62 22.02 6.92
N GLN A 300 -14.12 20.89 6.44
CA GLN A 300 -14.47 19.76 7.29
C GLN A 300 -13.22 19.19 7.95
N TRP A 301 -12.09 19.28 7.26
CA TRP A 301 -10.84 18.70 7.73
C TRP A 301 -9.88 19.70 8.34
N HIS A 302 -10.37 20.88 8.69
CA HIS A 302 -9.50 21.91 9.28
C HIS A 302 -8.79 21.39 10.52
N LEU A 303 -7.50 21.74 10.63
CA LEU A 303 -6.64 21.22 11.68
C LEU A 303 -7.17 21.38 13.12
N LYS A 304 -7.73 22.56 13.42
CA LYS A 304 -8.33 22.78 14.74
C LYS A 304 -9.46 21.80 14.99
N ASN A 305 -10.06 21.33 13.90
CA ASN A 305 -11.16 20.38 13.95
C ASN A 305 -10.67 18.94 14.02
N LEU A 306 -9.37 18.76 14.27
CA LEU A 306 -8.74 17.43 14.21
C LEU A 306 -9.45 16.36 15.03
N GLU A 307 -9.76 16.68 16.28
CA GLU A 307 -10.26 15.68 17.21
C GLU A 307 -11.51 14.95 16.75
N CYS A 308 -12.43 15.68 16.15
CA CYS A 308 -13.69 15.12 15.69
C CYS A 308 -13.47 14.18 14.51
N CYS A 309 -12.64 14.64 13.57
CA CYS A 309 -12.34 13.89 12.34
C CYS A 309 -11.78 12.50 12.61
N PHE A 310 -10.74 12.43 13.44
CA PHE A 310 -10.18 11.15 13.86
C PHE A 310 -11.30 10.27 14.41
N ASP A 311 -12.07 10.81 15.34
CA ASP A 311 -13.27 10.14 15.83
C ASP A 311 -14.15 9.68 14.67
N ASN A 312 -14.34 10.58 13.71
CA ASN A 312 -15.11 10.27 12.50
C ASN A 312 -14.43 9.15 11.73
N CYS A 313 -13.11 9.21 11.68
CA CYS A 313 -12.31 8.19 11.02
C CYS A 313 -12.47 6.83 11.71
N VAL A 314 -12.37 6.80 13.03
CA VAL A 314 -12.53 5.55 13.80
C VAL A 314 -13.96 5.00 13.69
N ALA A 315 -14.93 5.90 13.74
CA ALA A 315 -16.33 5.50 13.63
C ALA A 315 -16.63 4.78 12.33
N TYR A 316 -16.16 5.34 11.21
CA TYR A 316 -16.34 4.71 9.90
C TYR A 316 -15.75 3.31 9.90
N PHE A 317 -14.52 3.19 10.39
CA PHE A 317 -13.84 1.90 10.46
C PHE A 317 -14.71 0.90 11.21
N LEU A 318 -15.20 1.33 12.38
CA LEU A 318 -16.12 0.54 13.18
C LEU A 318 -17.33 0.04 12.39
N GLN A 319 -18.01 0.96 11.70
CA GLN A 319 -19.15 0.59 10.86
C GLN A 319 -18.78 -0.53 9.90
N CYS A 320 -17.63 -0.38 9.24
CA CYS A 320 -17.13 -1.37 8.28
C CYS A 320 -17.05 -2.79 8.84
N LEU A 321 -16.44 -2.93 10.01
CA LEU A 321 -16.28 -4.23 10.65
C LEU A 321 -17.63 -4.88 10.91
N LYS A 322 -18.52 -4.13 11.55
CA LYS A 322 -19.89 -4.57 11.78
C LYS A 322 -20.57 -4.90 10.45
N THR A 323 -20.55 -3.95 9.52
CA THR A 323 -21.09 -4.18 8.19
C THR A 323 -20.37 -5.31 7.47
N GLU A 324 -19.07 -5.42 7.72
CA GLU A 324 -18.24 -6.45 7.09
C GLU A 324 -18.00 -6.13 5.62
N GLN A 325 -18.32 -4.90 5.22
CA GLN A 325 -18.12 -4.48 3.84
C GLN A 325 -17.08 -3.36 3.76
N LEU A 326 -15.96 -3.66 3.12
CA LEU A 326 -14.92 -2.67 2.88
C LEU A 326 -14.46 -2.77 1.43
N ALA A 327 -15.31 -2.30 0.52
CA ALA A 327 -15.02 -2.35 -0.91
C ALA A 327 -13.69 -1.66 -1.24
N ASN A 328 -12.88 -2.33 -2.06
CA ASN A 328 -11.65 -1.75 -2.59
C ASN A 328 -11.98 -0.40 -3.23
N TYR A 329 -11.13 0.58 -2.97
CA TYR A 329 -11.37 1.94 -3.47
C TYR A 329 -11.38 1.95 -5.00
N PHE A 330 -10.40 1.29 -5.60
CA PHE A 330 -10.28 1.26 -7.05
C PHE A 330 -11.23 0.25 -7.69
N ILE A 331 -11.50 -0.83 -6.98
CA ILE A 331 -12.45 -1.85 -7.41
C ILE A 331 -13.58 -1.98 -6.40
N PRO A 332 -14.75 -1.40 -6.69
CA PRO A 332 -15.90 -1.48 -5.78
C PRO A 332 -16.32 -2.92 -5.50
N GLY A 333 -16.30 -3.77 -6.53
CA GLY A 333 -16.72 -5.15 -6.39
C GLY A 333 -16.01 -5.92 -5.31
N VAL A 334 -14.68 -5.83 -5.26
CA VAL A 334 -13.91 -6.54 -4.26
C VAL A 334 -14.17 -5.99 -2.87
N ASN A 335 -14.46 -6.89 -1.93
CA ASN A 335 -14.60 -6.51 -0.54
C ASN A 335 -13.45 -7.04 0.30
N LEU A 336 -12.62 -6.12 0.78
CA LEU A 336 -11.47 -6.47 1.60
C LEU A 336 -11.93 -7.16 2.89
N PHE A 337 -13.09 -6.76 3.40
CA PHE A 337 -13.62 -7.29 4.64
C PHE A 337 -14.54 -8.48 4.42
N SER A 338 -14.49 -9.06 3.22
CA SER A 338 -15.37 -10.16 2.90
C SER A 338 -15.06 -11.39 3.75
N ARG A 339 -16.09 -12.17 4.07
CA ARG A 339 -15.93 -13.27 5.03
C ARG A 339 -14.92 -14.33 4.57
N ASP A 340 -14.93 -14.63 3.27
CA ASP A 340 -13.96 -15.55 2.69
C ASP A 340 -12.56 -15.00 2.90
N LEU A 341 -12.42 -13.69 2.73
CA LEU A 341 -11.17 -13.01 3.05
C LEU A 341 -10.89 -12.97 4.56
N ILE A 342 -11.94 -12.76 5.37
CA ILE A 342 -11.80 -12.73 6.83
C ILE A 342 -13.04 -13.19 7.58
N ASP A 343 -12.85 -14.10 8.53
CA ASP A 343 -13.95 -14.65 9.32
C ASP A 343 -14.56 -13.63 10.29
N LYS A 344 -15.82 -13.87 10.66
CA LYS A 344 -16.56 -12.94 11.51
C LYS A 344 -15.97 -12.71 12.91
N PRO A 345 -15.47 -13.77 13.57
CA PRO A 345 -14.98 -13.61 14.94
C PRO A 345 -13.81 -12.63 14.99
N SER A 346 -12.96 -12.67 13.97
CA SER A 346 -11.87 -11.71 13.81
C SER A 346 -12.40 -10.27 13.78
N LYS A 347 -13.46 -10.02 13.01
CA LYS A 347 -14.07 -8.69 12.96
C LYS A 347 -14.58 -8.24 14.33
N GLU A 348 -15.36 -9.10 14.98
CA GLU A 348 -15.96 -8.80 16.26
C GLU A 348 -14.96 -8.32 17.28
N PHE A 349 -13.93 -9.13 17.48
CA PHE A 349 -12.89 -8.86 18.47
C PHE A 349 -12.25 -7.50 18.27
N LEU A 350 -11.72 -7.26 17.07
CA LEU A 350 -11.14 -5.97 16.74
C LEU A 350 -12.18 -4.88 17.03
N SER A 351 -13.38 -5.07 16.49
CA SER A 351 -14.49 -4.16 16.72
C SER A 351 -14.65 -3.75 18.18
N LYS A 352 -14.66 -4.74 19.08
CA LYS A 352 -14.76 -4.49 20.52
C LYS A 352 -13.56 -3.71 21.07
N GLN A 353 -12.36 -4.18 20.77
CA GLN A 353 -11.13 -3.51 21.19
C GLN A 353 -11.07 -2.04 20.76
N ILE A 354 -11.38 -1.78 19.48
CA ILE A 354 -11.55 -0.40 19.02
C ILE A 354 -12.71 0.21 19.75
N GLU A 355 -13.79 -0.55 19.86
CA GLU A 355 -14.96 -0.10 20.62
C GLU A 355 -14.55 0.32 22.01
N TYR A 356 -13.87 -0.57 22.73
CA TYR A 356 -13.31 -0.23 24.04
C TYR A 356 -12.47 1.03 23.92
N GLU A 357 -11.60 1.06 22.92
CA GLU A 357 -10.67 2.16 22.72
C GLU A 357 -11.34 3.52 22.51
N ARG A 358 -12.35 3.55 21.66
CA ARG A 358 -13.03 4.81 21.32
C ARG A 358 -13.64 5.47 22.55
N ASN A 359 -14.30 4.67 23.39
CA ASN A 359 -14.95 5.19 24.59
C ASN A 359 -13.94 5.62 25.65
N ASN A 360 -12.82 4.90 25.73
CA ASN A 360 -11.88 5.07 26.84
C ASN A 360 -10.79 6.12 26.65
N GLY A 361 -10.82 6.81 25.51
CA GLY A 361 -9.92 7.93 25.30
C GLY A 361 -8.56 7.55 24.74
N PHE A 362 -8.51 6.38 24.11
CA PHE A 362 -7.33 5.92 23.39
C PHE A 362 -6.10 5.81 24.30
N PRO A 363 -6.18 4.95 25.33
CA PRO A 363 -5.03 4.76 26.22
C PRO A 363 -3.89 4.07 25.47
N VAL A 364 -4.25 3.17 24.55
CA VAL A 364 -3.26 2.37 23.83
C VAL A 364 -2.14 3.20 23.18
N PHE A 365 -2.50 4.38 22.67
CA PHE A 365 -1.51 5.31 22.14
C PHE A 365 -0.49 5.62 23.23
N TRP A 366 -0.98 5.66 24.48
CA TRP A 366 -0.15 5.93 25.64
C TRP A 366 0.14 4.65 26.41
#